data_5F24
#
_entry.id   5F24
#
_cell.length_a   60.567
_cell.length_b   67.835
_cell.length_c   137.297
_cell.angle_alpha   90.000
_cell.angle_beta   90.000
_cell.angle_gamma   90.000
#
_symmetry.space_group_name_H-M   'P 2 21 21'
#
loop_
_entity.id
_entity.type
_entity.pdbx_description
1 polymer 'Inositol monophosphatase'
2 non-polymer 'CALCIUM ION'
3 non-polymer 'TETRAETHYLENE GLYCOL'
4 non-polymer 'CHLORIDE ION'
5 non-polymer GLYCEROL
6 non-polymer D-MYO-INOSITOL-1-PHOSPHATE
7 non-polymer 'HEXAETHYLENE GLYCOL'
8 water water
#
_entity_poly.entity_id   1
_entity_poly.type   'polypeptide(L)'
_entity_poly.pdbx_seq_one_letter_code
;MTDKTLQQIDKLICSWLKQIDNVIPQLIMEMTTETKRHRFDLVTNVDKQIQQQFQQFLATYFPEHQLLAEEKSNAMITNE
INHLWIMDPIDGTANLVKQQEDYCIILAYFYEGKPMLSYVYDYPHKKLYKAIRGEGAFCNGFKMEEPPSLKLEDAIISFN
AQVMNLDTVQDLFDASFSYRLVGACGLDSMRVAKGQFGAHINTNPKPWDIAAQFLFAELLNLKMTTLDGKAIDHLKGAPF
IISNKACHETVLKILNANGGYQKYR
;
_entity_poly.pdbx_strand_id   A,B
#
loop_
_chem_comp.id
_chem_comp.type
_chem_comp.name
_chem_comp.formula
CA non-polymer 'CALCIUM ION' 'Ca 2'
CL non-polymer 'CHLORIDE ION' 'Cl -1'
GOL non-polymer GLYCEROL 'C3 H8 O3'
IPD non-polymer D-MYO-INOSITOL-1-PHOSPHATE 'C6 H11 O9 P -2'
P6G non-polymer 'HEXAETHYLENE GLYCOL' 'C12 H26 O7'
PG4 non-polymer 'TETRAETHYLENE GLYCOL' 'C8 H18 O5'
#
# COMPACT_ATOMS: atom_id res chain seq x y z
N THR A 2 -24.65 -1.74 -31.68
CA THR A 2 -24.75 -1.15 -30.32
C THR A 2 -26.25 -0.90 -29.97
N ASP A 3 -26.56 0.16 -29.24
CA ASP A 3 -27.94 0.72 -29.08
C ASP A 3 -28.05 1.58 -27.82
N LYS A 4 -27.49 1.08 -26.71
CA LYS A 4 -27.41 1.90 -25.49
C LYS A 4 -26.24 2.84 -25.62
N THR A 5 -26.37 4.09 -25.17
CA THR A 5 -25.26 4.97 -25.19
C THR A 5 -24.27 4.60 -24.06
N LEU A 6 -23.06 5.13 -24.17
CA LEU A 6 -22.11 4.98 -23.08
C LEU A 6 -22.66 5.52 -21.74
N GLN A 7 -23.39 6.63 -21.77
CA GLN A 7 -23.96 7.15 -20.53
C GLN A 7 -24.95 6.20 -19.88
N GLN A 8 -25.74 5.56 -20.73
CA GLN A 8 -26.75 4.63 -20.27
C GLN A 8 -26.07 3.40 -19.68
N ILE A 9 -25.05 2.88 -20.36
CA ILE A 9 -24.35 1.71 -19.83
C ILE A 9 -23.66 2.12 -18.52
N ASP A 10 -22.93 3.23 -18.57
CA ASP A 10 -22.22 3.70 -17.41
C ASP A 10 -23.16 3.81 -16.17
N LYS A 11 -24.35 4.37 -16.40
CA LYS A 11 -25.26 4.51 -15.27
C LYS A 11 -25.61 3.15 -14.63
N LEU A 12 -25.85 2.11 -15.47
CA LEU A 12 -26.13 0.84 -14.97
C LEU A 12 -24.97 0.14 -14.25
N ILE A 13 -23.76 0.34 -14.74
CA ILE A 13 -22.58 -0.23 -14.09
C ILE A 13 -22.40 0.44 -12.73
N CYS A 14 -22.52 1.77 -12.71
CA CYS A 14 -22.39 2.49 -11.46
C CYS A 14 -23.39 2.08 -10.43
N SER A 15 -24.63 1.87 -10.88
CA SER A 15 -25.65 1.38 -9.90
C SER A 15 -25.44 -0.07 -9.45
N TRP A 16 -24.94 -0.96 -10.31
CA TRP A 16 -24.56 -2.31 -9.93
C TRP A 16 -23.43 -2.29 -8.91
N LEU A 17 -22.42 -1.46 -9.15
CA LEU A 17 -21.25 -1.34 -8.26
C LEU A 17 -21.67 -0.78 -6.91
N LYS A 18 -22.61 0.17 -6.93
CA LYS A 18 -23.18 0.65 -5.72
C LYS A 18 -23.98 -0.38 -4.91
N GLN A 19 -24.73 -1.22 -5.60
CA GLN A 19 -25.37 -2.29 -4.87
C GLN A 19 -24.44 -3.34 -4.38
N ILE A 20 -23.29 -3.54 -5.06
CA ILE A 20 -22.26 -4.47 -4.63
C ILE A 20 -21.72 -4.15 -3.23
N ASP A 21 -21.70 -2.89 -2.81
CA ASP A 21 -21.43 -2.49 -1.41
C ASP A 21 -22.34 -3.12 -0.38
N ASN A 22 -23.54 -3.49 -0.83
CA ASN A 22 -24.46 -4.18 0.07
C ASN A 22 -24.18 -5.64 0.19
N VAL A 23 -23.46 -6.21 -0.74
CA VAL A 23 -23.16 -7.65 -0.76
C VAL A 23 -21.81 -7.95 -0.07
N ILE A 24 -20.80 -7.13 -0.35
CA ILE A 24 -19.43 -7.56 0.00
C ILE A 24 -19.15 -7.73 1.52
N PRO A 25 -19.68 -6.87 2.39
CA PRO A 25 -19.40 -7.04 3.82
C PRO A 25 -19.79 -8.42 4.32
N GLN A 26 -20.96 -8.89 3.91
CA GLN A 26 -21.40 -10.23 4.25
C GLN A 26 -20.47 -11.36 3.73
N LEU A 27 -20.11 -11.31 2.44
CA LEU A 27 -19.21 -12.31 1.87
C LEU A 27 -17.90 -12.37 2.67
N ILE A 28 -17.37 -11.21 3.02
CA ILE A 28 -16.16 -11.13 3.84
C ILE A 28 -16.36 -11.64 5.27
N MET A 29 -17.48 -11.32 5.87
CA MET A 29 -17.79 -11.88 7.20
C MET A 29 -17.73 -13.40 7.18
N GLU A 30 -18.22 -14.06 6.13
CA GLU A 30 -17.98 -15.50 5.99
C GLU A 30 -16.58 -15.49 5.41
N MET A 31 -15.71 -16.48 5.66
CA MET A 31 -14.27 -16.23 5.42
C MET A 31 -13.70 -15.38 6.58
N THR A 33 -11.12 -17.47 7.35
CA THR A 33 -10.10 -17.21 8.37
C THR A 33 -8.68 -17.84 8.10
N GLU A 34 -8.57 -18.80 7.15
CA GLU A 34 -7.31 -19.60 6.87
C GLU A 34 -6.21 -18.90 5.98
N THR A 35 -4.91 -19.23 6.12
CA THR A 35 -4.24 -19.94 7.25
C THR A 35 -3.63 -21.33 6.98
N LYS A 36 -3.70 -21.78 5.70
CA LYS A 36 -2.63 -22.60 5.06
CA LYS A 36 -2.62 -22.59 5.05
C LYS A 36 -2.97 -23.16 3.66
N ARG A 37 -3.07 -22.22 2.71
CA ARG A 37 -2.90 -22.42 1.26
C ARG A 37 -1.90 -21.32 0.78
N HIS A 38 -1.02 -21.65 -0.16
CA HIS A 38 -0.09 -20.65 -0.66
C HIS A 38 -0.72 -19.72 -1.74
N ARG A 39 0.07 -18.72 -2.13
CA ARG A 39 -0.31 -17.61 -3.03
C ARG A 39 -1.15 -18.08 -4.24
N PHE A 40 -0.74 -19.20 -4.84
CA PHE A 40 -1.30 -19.71 -6.11
C PHE A 40 -2.60 -20.49 -5.98
N ASP A 41 -2.95 -20.84 -4.75
CA ASP A 41 -4.04 -21.77 -4.49
C ASP A 41 -5.24 -21.18 -3.72
N LEU A 42 -5.46 -19.86 -3.84
CA LEU A 42 -6.51 -19.16 -3.07
C LEU A 42 -7.94 -19.24 -3.68
N VAL A 43 -8.96 -19.16 -2.82
CA VAL A 43 -10.37 -19.37 -3.24
C VAL A 43 -10.98 -18.21 -4.14
N THR A 44 -11.75 -17.23 -3.64
CA THR A 44 -12.66 -17.26 -2.49
C THR A 44 -14.07 -17.38 -3.05
N ASN A 45 -15.03 -17.42 -2.15
CA ASN A 45 -16.39 -17.29 -2.52
C ASN A 45 -16.71 -15.86 -2.96
N VAL A 46 -15.97 -14.87 -2.45
CA VAL A 46 -16.16 -13.45 -2.79
C VAL A 46 -15.96 -13.23 -4.30
N ASP A 47 -14.86 -13.73 -4.84
CA ASP A 47 -14.64 -13.70 -6.28
C ASP A 47 -15.85 -14.28 -7.01
N LYS A 48 -16.23 -15.50 -6.68
CA LYS A 48 -17.23 -16.24 -7.44
C LYS A 48 -18.59 -15.57 -7.43
N GLN A 49 -19.02 -15.05 -6.30
CA GLN A 49 -20.32 -14.41 -6.09
C GLN A 49 -20.41 -13.08 -6.79
N ILE A 50 -19.37 -12.25 -6.67
CA ILE A 50 -19.31 -10.98 -7.41
C ILE A 50 -19.45 -11.27 -8.91
N GLN A 51 -18.73 -12.30 -9.38
CA GLN A 51 -18.80 -12.63 -10.80
C GLN A 51 -20.19 -13.12 -11.27
N GLN A 52 -20.81 -13.91 -10.47
CA GLN A 52 -22.12 -14.46 -10.79
C GLN A 52 -23.14 -13.39 -10.87
N GLN A 53 -23.03 -12.43 -9.97
CA GLN A 53 -23.94 -11.28 -9.92
C GLN A 53 -23.80 -10.38 -11.11
N PHE A 54 -22.57 -10.26 -11.59
CA PHE A 54 -22.37 -9.45 -12.79
C PHE A 54 -22.92 -10.18 -14.02
N GLN A 55 -22.77 -11.49 -14.03
CA GLN A 55 -23.33 -12.30 -15.11
C GLN A 55 -24.89 -12.12 -15.11
N GLN A 56 -25.52 -12.12 -13.94
CA GLN A 56 -26.93 -11.88 -13.86
C GLN A 56 -27.30 -10.45 -14.32
N PHE A 57 -26.52 -9.48 -13.92
CA PHE A 57 -26.64 -8.09 -14.42
C PHE A 57 -26.60 -7.99 -15.92
N LEU A 58 -25.75 -8.75 -16.57
CA LEU A 58 -25.73 -8.73 -17.99
C LEU A 58 -26.86 -9.54 -18.67
N ALA A 59 -27.19 -10.69 -18.14
CA ALA A 59 -28.36 -11.40 -18.61
C ALA A 59 -29.57 -10.47 -18.70
N THR A 60 -29.63 -9.78 -17.58
CA THR A 60 -30.74 -8.81 -17.36
C THR A 60 -30.76 -7.53 -18.20
N TYR A 61 -29.63 -6.87 -18.54
CA TYR A 61 -29.66 -5.59 -19.20
C TYR A 61 -29.07 -5.52 -20.59
N PHE A 62 -28.13 -6.43 -20.86
CA PHE A 62 -27.36 -6.39 -22.07
C PHE A 62 -27.17 -7.84 -22.56
N PRO A 63 -28.24 -8.49 -22.98
CA PRO A 63 -28.24 -9.95 -23.06
C PRO A 63 -27.41 -10.44 -24.27
N GLU A 64 -27.08 -9.51 -25.19
CA GLU A 64 -26.18 -9.78 -26.31
C GLU A 64 -24.74 -9.79 -25.88
N HIS A 65 -24.46 -9.19 -24.74
CA HIS A 65 -23.07 -8.92 -24.35
C HIS A 65 -22.40 -10.16 -23.84
N GLN A 66 -21.14 -10.38 -24.19
CA GLN A 66 -20.38 -11.54 -23.60
C GLN A 66 -19.41 -11.17 -22.48
N LEU A 67 -19.05 -12.17 -21.68
CA LEU A 67 -18.13 -12.00 -20.55
C LEU A 67 -16.92 -12.89 -20.64
N LEU A 68 -15.74 -12.29 -20.69
CA LEU A 68 -14.46 -13.00 -20.47
C LEU A 68 -14.01 -12.65 -19.05
N ALA A 69 -13.98 -13.65 -18.19
CA ALA A 69 -13.65 -13.44 -16.76
C ALA A 69 -12.80 -14.53 -16.19
N GLU A 70 -12.22 -14.23 -15.04
CA GLU A 70 -11.25 -15.18 -14.44
C GLU A 70 -11.91 -16.49 -14.06
N GLU A 71 -13.04 -16.41 -13.37
CA GLU A 71 -13.63 -17.59 -12.71
C GLU A 71 -14.58 -18.40 -13.62
N LYS A 72 -14.49 -18.25 -14.93
CA LYS A 72 -15.24 -18.97 -15.89
C LYS A 72 -14.30 -19.60 -16.95
N MET A 76 -14.74 -18.22 -25.34
CA MET A 76 -14.23 -17.47 -26.48
C MET A 76 -14.23 -18.33 -27.77
N ILE A 77 -15.20 -18.13 -28.66
CA ILE A 77 -15.40 -18.97 -29.86
C ILE A 77 -15.48 -18.10 -31.17
N THR A 78 -15.80 -16.84 -31.01
CA THR A 78 -15.76 -15.90 -32.11
C THR A 78 -14.64 -14.95 -31.78
N ASN A 79 -13.74 -14.77 -32.76
CA ASN A 79 -12.71 -13.74 -32.84
C ASN A 79 -13.28 -12.30 -32.75
N GLU A 80 -14.48 -12.09 -33.30
CA GLU A 80 -14.97 -10.78 -33.61
C GLU A 80 -16.23 -10.49 -32.76
N ILE A 81 -16.14 -10.58 -31.41
CA ILE A 81 -17.30 -10.24 -30.53
C ILE A 81 -17.67 -8.76 -30.55
N ASN A 82 -18.94 -8.40 -30.81
CA ASN A 82 -19.34 -7.00 -30.80
C ASN A 82 -19.28 -6.31 -29.45
N HIS A 83 -19.88 -6.94 -28.47
CA HIS A 83 -19.98 -6.41 -27.14
C HIS A 83 -19.31 -7.35 -26.12
N LEU A 84 -18.17 -6.92 -25.61
CA LEU A 84 -17.35 -7.77 -24.72
C LEU A 84 -17.03 -7.06 -23.44
N TRP A 85 -17.27 -7.73 -22.32
CA TRP A 85 -16.78 -7.32 -21.03
C TRP A 85 -15.66 -8.28 -20.61
N ILE A 86 -14.58 -7.68 -20.11
CA ILE A 86 -13.55 -8.42 -19.39
C ILE A 86 -13.60 -8.09 -17.91
N MET A 87 -13.69 -9.14 -17.09
CA MET A 87 -13.78 -8.89 -15.66
C MET A 87 -12.75 -9.60 -14.80
N ASP A 88 -12.19 -8.89 -13.83
CA ASP A 88 -11.55 -9.56 -12.70
C ASP A 88 -12.38 -9.26 -11.45
N PRO A 89 -13.12 -10.26 -10.98
CA PRO A 89 -14.11 -9.92 -9.93
C PRO A 89 -13.45 -9.51 -8.63
N ILE A 90 -12.34 -10.12 -8.27
CA ILE A 90 -11.44 -9.55 -7.25
C ILE A 90 -10.01 -9.62 -7.80
N ASP A 91 -9.42 -8.46 -8.01
CA ASP A 91 -7.98 -8.41 -8.34
C ASP A 91 -7.30 -8.11 -7.05
N GLY A 92 -6.30 -8.87 -6.68
CA GLY A 92 -5.68 -8.78 -5.33
C GLY A 92 -6.28 -9.71 -4.30
N THR A 93 -6.61 -10.92 -4.72
CA THR A 93 -7.27 -11.93 -3.84
C THR A 93 -6.38 -12.19 -2.62
N ALA A 94 -5.06 -12.22 -2.80
CA ALA A 94 -4.14 -12.45 -1.70
C ALA A 94 -4.33 -11.35 -0.66
N ASN A 95 -4.39 -10.09 -1.12
CA ASN A 95 -4.64 -8.96 -0.20
C ASN A 95 -6.00 -9.02 0.44
N LEU A 96 -7.03 -9.43 -0.31
CA LEU A 96 -8.33 -9.63 0.32
C LEU A 96 -8.26 -10.62 1.50
N VAL A 97 -7.64 -11.75 1.25
CA VAL A 97 -7.62 -12.81 2.25
C VAL A 97 -6.72 -12.47 3.45
N LYS A 98 -5.55 -11.96 3.15
CA LYS A 98 -4.55 -11.64 4.21
C LYS A 98 -4.80 -10.35 4.89
N GLN A 99 -5.41 -9.38 4.21
CA GLN A 99 -5.45 -8.01 4.73
C GLN A 99 -6.82 -7.39 4.77
N GLN A 100 -7.72 -7.90 3.93
CA GLN A 100 -9.04 -7.25 3.76
C GLN A 100 -8.92 -5.80 3.36
N GLU A 101 -7.91 -5.52 2.55
CA GLU A 101 -7.65 -4.20 2.05
C GLU A 101 -6.85 -4.36 0.81
N ASP A 102 -6.80 -3.33 0.00
CA ASP A 102 -5.90 -3.31 -1.21
C ASP A 102 -6.26 -4.36 -2.24
N TYR A 103 -7.56 -4.40 -2.52
CA TYR A 103 -8.04 -5.23 -3.62
C TYR A 103 -9.09 -4.41 -4.39
N CYS A 104 -9.45 -4.87 -5.59
CA CYS A 104 -10.34 -4.12 -6.42
C CYS A 104 -11.14 -5.02 -7.33
N ILE A 105 -12.17 -4.42 -7.93
CA ILE A 105 -12.94 -5.05 -8.99
C ILE A 105 -12.55 -4.38 -10.29
N ILE A 106 -12.19 -5.18 -11.30
CA ILE A 106 -11.82 -4.66 -12.61
C ILE A 106 -12.88 -5.05 -13.69
N LEU A 107 -13.35 -4.06 -14.45
CA LEU A 107 -14.21 -4.30 -15.60
C LEU A 107 -13.83 -3.42 -16.74
N ALA A 108 -13.95 -3.99 -17.93
CA ALA A 108 -13.65 -3.23 -19.15
C ALA A 108 -14.62 -3.66 -20.25
N TYR A 109 -15.28 -2.71 -20.86
CA TYR A 109 -16.13 -2.99 -21.99
C TYR A 109 -15.41 -2.61 -23.30
N PHE A 110 -15.48 -3.53 -24.23
CA PHE A 110 -14.96 -3.37 -25.58
C PHE A 110 -16.08 -3.48 -26.61
N TYR A 111 -16.10 -2.52 -27.51
CA TYR A 111 -17.07 -2.52 -28.60
C TYR A 111 -16.36 -2.77 -29.89
N GLU A 112 -16.58 -3.92 -30.52
CA GLU A 112 -15.84 -4.33 -31.73
C GLU A 112 -14.33 -4.26 -31.54
N GLY A 113 -13.89 -4.65 -30.36
CA GLY A 113 -12.48 -4.70 -30.02
C GLY A 113 -11.88 -3.37 -29.54
N LYS A 114 -12.71 -2.34 -29.41
CA LYS A 114 -12.27 -1.02 -29.04
C LYS A 114 -12.71 -0.73 -27.60
N PRO A 115 -11.74 -0.35 -26.74
CA PRO A 115 -12.02 0.03 -25.35
C PRO A 115 -12.96 1.22 -25.33
N MET A 116 -14.10 1.07 -24.64
CA MET A 116 -15.09 2.16 -24.51
C MET A 116 -15.35 2.56 -23.08
N LEU A 117 -15.37 1.59 -22.16
CA LEU A 117 -15.58 1.82 -20.74
C LEU A 117 -14.63 0.99 -19.89
N SER A 118 -14.04 1.58 -18.86
CA SER A 118 -13.17 0.84 -17.93
C SER A 118 -13.44 1.23 -16.48
N TYR A 119 -13.33 0.25 -15.57
CA TYR A 119 -13.57 0.53 -14.15
C TYR A 119 -12.51 -0.20 -13.32
N VAL A 120 -11.96 0.49 -12.33
CA VAL A 120 -11.17 -0.12 -11.25
C VAL A 120 -11.76 0.38 -9.95
N TYR A 121 -12.49 -0.52 -9.29
CA TYR A 121 -13.21 -0.11 -8.10
C TYR A 121 -12.39 -0.53 -6.86
N ASP A 122 -11.79 0.49 -6.26
CA ASP A 122 -11.04 0.24 -4.99
C ASP A 122 -12.04 0.25 -3.89
N TYR A 123 -12.60 -0.92 -3.61
CA TYR A 123 -13.75 -0.97 -2.73
C TYR A 123 -13.37 -0.63 -1.27
N PRO A 124 -12.27 -1.15 -0.75
CA PRO A 124 -11.93 -0.84 0.67
C PRO A 124 -11.86 0.65 0.93
N HIS A 125 -11.47 1.41 -0.08
CA HIS A 125 -11.33 2.88 0.12
C HIS A 125 -12.43 3.61 -0.53
N LYS A 126 -13.46 2.92 -1.05
CA LYS A 126 -14.56 3.55 -1.79
C LYS A 126 -14.08 4.56 -2.85
N LYS A 127 -13.15 4.16 -3.68
CA LYS A 127 -12.68 4.99 -4.73
C LYS A 127 -12.93 4.28 -6.05
N LEU A 128 -13.78 4.85 -6.86
CA LEU A 128 -14.11 4.33 -8.20
C LEU A 128 -13.34 5.06 -9.30
N TYR A 129 -12.39 4.36 -9.91
CA TYR A 129 -11.65 4.94 -11.01
C TYR A 129 -12.40 4.47 -12.24
N LYS A 130 -12.77 5.42 -13.12
CA LYS A 130 -13.47 4.98 -14.34
C LYS A 130 -13.01 5.83 -15.51
N ALA A 131 -13.12 5.20 -16.68
CA ALA A 131 -12.74 5.83 -17.91
C ALA A 131 -13.83 5.61 -18.95
N ILE A 132 -14.18 6.67 -19.67
CA ILE A 132 -15.29 6.71 -20.58
C ILE A 132 -14.83 7.38 -21.84
N ARG A 133 -14.83 6.66 -22.95
CA ARG A 133 -14.43 7.21 -24.27
C ARG A 133 -15.40 8.37 -24.57
N GLY A 134 -14.87 9.56 -24.82
CA GLY A 134 -15.69 10.73 -25.10
C GLY A 134 -15.90 11.64 -23.89
N GLU A 135 -15.77 11.12 -22.69
CA GLU A 135 -15.84 11.95 -21.45
C GLU A 135 -14.48 12.19 -20.80
N GLY A 136 -13.70 11.14 -20.60
CA GLY A 136 -12.40 11.17 -19.89
C GLY A 136 -12.33 10.14 -18.78
N ALA A 137 -11.32 10.29 -17.90
CA ALA A 137 -11.15 9.42 -16.74
C ALA A 137 -11.42 10.17 -15.48
N PHE A 138 -11.94 9.45 -14.49
CA PHE A 138 -12.43 10.07 -13.26
C PHE A 138 -12.12 9.19 -12.04
N CYS A 139 -11.96 9.85 -10.89
CA CYS A 139 -11.91 9.19 -9.59
C CYS A 139 -13.05 9.69 -8.76
N ASN A 140 -14.05 8.86 -8.51
CA ASN A 140 -15.25 9.30 -7.77
C ASN A 140 -15.79 10.61 -8.37
N GLY A 141 -15.83 10.68 -9.69
CA GLY A 141 -16.31 11.88 -10.28
C GLY A 141 -15.38 13.05 -10.66
N PHE A 142 -14.23 13.19 -10.00
CA PHE A 142 -13.36 14.28 -10.32
C PHE A 142 -12.49 13.83 -11.46
N LYS A 143 -12.38 14.71 -12.46
CA LYS A 143 -11.66 14.39 -13.66
C LYS A 143 -10.17 14.18 -13.38
N MET A 144 -9.61 13.08 -13.87
CA MET A 144 -8.16 12.82 -13.82
C MET A 144 -7.49 13.46 -15.00
N GLU A 145 -6.34 14.08 -14.78
CA GLU A 145 -5.56 14.71 -15.87
C GLU A 145 -4.38 13.85 -16.20
N GLU A 146 -3.79 14.03 -17.38
CA GLU A 146 -2.43 13.51 -17.63
C GLU A 146 -1.51 13.82 -16.44
N PRO A 147 -0.80 12.81 -15.88
CA PRO A 147 0.13 13.09 -14.77
C PRO A 147 1.32 13.95 -15.23
N PRO A 148 2.04 14.66 -14.31
CA PRO A 148 3.32 15.32 -14.69
C PRO A 148 4.31 14.28 -15.24
N SER A 149 5.25 14.75 -16.04
CA SER A 149 6.37 13.92 -16.49
C SER A 149 7.13 13.39 -15.31
N LEU A 150 7.46 12.11 -15.32
CA LEU A 150 8.36 11.54 -14.34
C LEU A 150 9.49 10.77 -15.02
N LYS A 151 10.71 11.28 -14.90
CA LYS A 151 11.89 10.48 -15.21
C LYS A 151 12.02 9.37 -14.19
N LEU A 152 12.60 8.25 -14.58
CA LEU A 152 12.69 7.07 -13.66
C LEU A 152 13.40 7.42 -12.32
N GLU A 153 14.47 8.21 -12.38
CA GLU A 153 15.21 8.56 -11.17
C GLU A 153 14.38 9.32 -10.14
N ASP A 154 13.30 9.92 -10.62
CA ASP A 154 12.39 10.71 -9.74
C ASP A 154 11.09 9.98 -9.40
N ALA A 155 11.02 8.69 -9.76
CA ALA A 155 9.73 7.99 -9.71
C ALA A 155 9.83 6.80 -8.81
N ILE A 156 8.69 6.50 -8.17
CA ILE A 156 8.53 5.24 -7.47
C ILE A 156 8.14 4.19 -8.49
N ILE A 157 8.74 2.99 -8.43
CA ILE A 157 8.20 1.94 -9.29
C ILE A 157 7.75 0.75 -8.54
N SER A 158 6.93 -0.05 -9.22
CA SER A 158 6.22 -1.15 -8.63
C SER A 158 6.24 -2.34 -9.56
N PHE A 159 6.57 -3.47 -8.98
CA PHE A 159 6.63 -4.72 -9.70
C PHE A 159 6.82 -5.82 -8.70
N ASN A 160 6.65 -7.05 -9.13
CA ASN A 160 6.88 -8.23 -8.28
C ASN A 160 8.36 -8.61 -8.39
N ALA A 161 9.09 -8.40 -7.31
CA ALA A 161 10.52 -8.65 -7.30
C ALA A 161 10.87 -10.13 -7.18
N GLN A 162 9.90 -11.02 -6.96
CA GLN A 162 10.13 -12.42 -6.68
C GLN A 162 10.21 -13.21 -7.93
N VAL A 163 9.88 -12.55 -9.05
CA VAL A 163 9.72 -13.28 -10.28
C VAL A 163 10.68 -12.81 -11.32
N MET A 164 11.67 -12.02 -10.92
CA MET A 164 12.67 -11.54 -11.87
C MET A 164 14.01 -11.93 -11.36
N ASN A 165 15.02 -11.97 -12.21
CA ASN A 165 16.33 -12.31 -11.63
C ASN A 165 16.78 -11.07 -10.79
N LEU A 166 17.60 -11.37 -9.75
CA LEU A 166 17.91 -10.35 -8.77
C LEU A 166 18.83 -9.24 -9.31
N ASP A 167 19.65 -9.49 -10.33
CA ASP A 167 20.49 -8.45 -10.87
C ASP A 167 19.60 -7.40 -11.52
N THR A 168 18.62 -7.80 -12.34
CA THR A 168 17.68 -6.90 -12.85
C THR A 168 16.81 -6.17 -11.81
N VAL A 169 16.47 -6.89 -10.79
CA VAL A 169 15.79 -6.20 -9.66
C VAL A 169 16.69 -5.09 -9.07
N GLN A 170 17.95 -5.45 -8.81
CA GLN A 170 18.93 -4.45 -8.34
C GLN A 170 19.04 -3.25 -9.28
N ASP A 171 19.09 -3.50 -10.59
CA ASP A 171 19.23 -2.40 -11.54
C ASP A 171 18.02 -1.44 -11.47
N LEU A 172 16.84 -2.04 -11.26
CA LEU A 172 15.60 -1.25 -11.15
C LEU A 172 15.58 -0.42 -9.89
N PHE A 173 15.94 -1.03 -8.75
CA PHE A 173 16.22 -0.28 -7.50
C PHE A 173 17.19 0.92 -7.71
N ASP A 174 18.38 0.68 -8.25
CA ASP A 174 19.39 1.75 -8.40
C ASP A 174 18.96 2.89 -9.30
N ALA A 175 18.14 2.60 -10.31
CA ALA A 175 17.75 3.65 -11.29
C ALA A 175 16.49 4.42 -10.94
N SER A 176 15.70 3.96 -9.97
CA SER A 176 14.43 4.62 -9.68
C SER A 176 14.57 5.35 -8.30
N PHE A 177 13.58 6.15 -7.99
CA PHE A 177 13.65 6.95 -6.79
C PHE A 177 13.47 6.04 -5.58
N SER A 178 12.44 5.24 -5.65
CA SER A 178 12.22 4.15 -4.67
C SER A 178 11.32 3.05 -5.28
N TYR A 179 11.00 2.05 -4.44
CA TYR A 179 10.21 0.90 -4.82
C TYR A 179 9.06 0.70 -3.82
N ARG A 180 7.85 0.50 -4.35
CA ARG A 180 6.70 0.14 -3.50
C ARG A 180 5.93 -0.95 -4.18
N LEU A 181 5.07 -1.59 -3.40
CA LEU A 181 4.13 -2.56 -3.97
C LEU A 181 2.82 -2.52 -3.21
N VAL A 182 1.72 -2.22 -3.92
CA VAL A 182 0.39 -2.35 -3.37
C VAL A 182 -0.07 -3.79 -3.42
N GLY A 183 0.20 -4.47 -4.54
CA GLY A 183 -0.02 -5.92 -4.65
C GLY A 183 -1.30 -6.30 -5.37
N ALA A 184 -1.94 -5.34 -6.00
CA ALA A 184 -3.03 -5.66 -6.92
C ALA A 184 -2.79 -4.95 -8.21
N CYS A 185 -2.69 -5.68 -9.32
CA CYS A 185 -2.35 -5.08 -10.63
C CYS A 185 -3.17 -3.83 -10.95
N GLY A 186 -4.47 -3.91 -10.79
CA GLY A 186 -5.35 -2.77 -10.97
C GLY A 186 -4.99 -1.56 -10.13
N LEU A 187 -4.60 -1.75 -8.88
CA LEU A 187 -4.35 -0.60 -7.99
C LEU A 187 -2.95 -0.05 -8.23
N ASP A 188 -1.96 -0.95 -8.37
CA ASP A 188 -0.63 -0.50 -8.74
C ASP A 188 -0.67 0.25 -10.08
N SER A 189 -1.49 -0.24 -11.02
CA SER A 189 -1.64 0.46 -12.30
C SER A 189 -2.25 1.88 -12.15
N MET A 190 -3.29 1.98 -11.28
CA MET A 190 -3.92 3.29 -11.07
C MET A 190 -2.97 4.28 -10.43
N ARG A 191 -2.05 3.76 -9.58
CA ARG A 191 -1.05 4.69 -9.05
C ARG A 191 -0.17 5.32 -10.15
N VAL A 192 0.06 4.56 -11.24
CA VAL A 192 0.76 5.11 -12.41
C VAL A 192 -0.15 6.18 -13.05
N ALA A 193 -1.41 5.83 -13.19
CA ALA A 193 -2.40 6.73 -13.81
C ALA A 193 -2.53 8.08 -13.06
N LYS A 194 -2.37 8.01 -11.72
CA LYS A 194 -2.50 9.19 -10.86
C LYS A 194 -1.20 9.97 -10.79
N GLY A 195 -0.11 9.43 -11.33
CA GLY A 195 1.20 10.08 -11.17
C GLY A 195 1.92 9.77 -9.86
N GLN A 196 1.41 8.84 -9.06
CA GLN A 196 2.04 8.46 -7.82
C GLN A 196 3.23 7.52 -8.01
N PHE A 197 3.10 6.62 -8.98
CA PHE A 197 4.18 5.71 -9.40
C PHE A 197 4.56 6.11 -10.84
N GLY A 198 5.84 5.95 -11.19
CA GLY A 198 6.32 6.12 -12.56
C GLY A 198 5.91 4.96 -13.45
N ALA A 199 5.85 3.75 -12.91
CA ALA A 199 5.56 2.57 -13.74
C ALA A 199 5.21 1.40 -12.91
N HIS A 200 4.36 0.51 -13.45
CA HIS A 200 4.07 -0.77 -12.86
C HIS A 200 4.36 -1.84 -13.90
N ILE A 201 4.99 -2.93 -13.49
CA ILE A 201 5.32 -4.08 -14.36
C ILE A 201 4.63 -5.34 -13.89
N ASN A 202 4.05 -6.08 -14.80
CA ASN A 202 3.61 -7.43 -14.50
C ASN A 202 4.10 -8.37 -15.61
N THR A 203 4.95 -9.32 -15.27
CA THR A 203 5.61 -10.11 -16.29
C THR A 203 4.79 -11.27 -16.84
N ASN A 204 3.61 -11.48 -16.28
CA ASN A 204 2.75 -12.53 -16.82
C ASN A 204 1.26 -12.30 -16.50
N PRO A 205 0.69 -11.20 -17.00
CA PRO A 205 -0.72 -10.94 -16.69
C PRO A 205 -1.72 -11.69 -17.54
N LYS A 206 -2.91 -11.90 -17.01
CA LYS A 206 -4.03 -12.46 -17.78
C LYS A 206 -4.78 -11.29 -18.40
N PRO A 207 -5.61 -11.53 -19.43
CA PRO A 207 -6.35 -10.41 -19.99
C PRO A 207 -7.12 -9.57 -18.97
N TRP A 208 -7.68 -10.21 -17.93
CA TRP A 208 -8.49 -9.51 -16.89
C TRP A 208 -7.66 -8.64 -15.97
N ASP A 209 -6.39 -8.96 -15.76
CA ASP A 209 -5.50 -8.13 -14.93
C ASP A 209 -5.22 -6.76 -15.52
N ILE A 210 -5.29 -6.65 -16.85
CA ILE A 210 -4.91 -5.38 -17.54
C ILE A 210 -5.98 -4.75 -18.41
N ALA A 211 -7.18 -5.33 -18.44
CA ALA A 211 -8.18 -4.99 -19.44
C ALA A 211 -8.66 -3.54 -19.32
N ALA A 212 -8.87 -3.06 -18.11
CA ALA A 212 -9.37 -1.72 -17.90
C ALA A 212 -8.32 -0.70 -18.28
N GLN A 213 -7.06 -1.13 -18.15
CA GLN A 213 -5.95 -0.17 -18.21
C GLN A 213 -5.77 0.49 -19.58
N PHE A 214 -6.12 -0.23 -20.66
CA PHE A 214 -5.99 0.30 -22.03
C PHE A 214 -6.60 1.68 -22.12
N LEU A 215 -7.87 1.80 -21.75
CA LEU A 215 -8.54 3.09 -21.92
C LEU A 215 -7.96 4.20 -21.03
N PHE A 216 -7.60 3.85 -19.79
CA PHE A 216 -6.91 4.77 -18.92
C PHE A 216 -5.64 5.28 -19.58
N ALA A 217 -4.84 4.36 -20.15
CA ALA A 217 -3.53 4.79 -20.70
C ALA A 217 -3.74 5.70 -21.90
N GLU A 218 -4.72 5.39 -22.73
CA GLU A 218 -5.08 6.25 -23.87
C GLU A 218 -5.55 7.62 -23.38
N LEU A 219 -6.50 7.68 -22.46
CA LEU A 219 -7.05 8.98 -22.09
C LEU A 219 -6.11 9.85 -21.28
N LEU A 220 -5.16 9.26 -20.56
CA LEU A 220 -4.23 10.02 -19.75
C LEU A 220 -2.83 10.07 -20.31
N ASN A 221 -2.64 9.67 -21.57
CA ASN A 221 -1.32 9.75 -22.23
CA ASN A 221 -1.32 9.71 -22.26
C ASN A 221 -0.23 8.93 -21.52
N LEU A 222 -0.59 7.73 -21.11
CA LEU A 222 0.38 6.80 -20.45
C LEU A 222 0.87 5.85 -21.50
N LYS A 223 2.03 5.24 -21.31
CA LYS A 223 2.47 4.18 -22.19
C LYS A 223 2.07 2.85 -21.58
N MET A 224 1.40 2.03 -22.38
CA MET A 224 1.09 0.69 -21.97
C MET A 224 1.46 -0.22 -23.11
N THR A 225 2.50 -1.05 -22.90
CA THR A 225 3.03 -1.92 -23.92
C THR A 225 3.46 -3.28 -23.37
N THR A 226 3.80 -4.19 -24.29
CA THR A 226 4.57 -5.36 -23.88
C THR A 226 5.98 -4.92 -23.41
N LEU A 227 6.72 -5.83 -22.78
CA LEU A 227 8.06 -5.51 -22.27
C LEU A 227 9.03 -5.43 -23.44
N ASP A 228 8.55 -5.79 -24.63
CA ASP A 228 9.27 -5.51 -25.91
C ASP A 228 8.84 -4.21 -26.55
N GLY A 229 8.06 -3.39 -25.84
CA GLY A 229 7.53 -2.16 -26.45
C GLY A 229 6.40 -2.26 -27.49
N LYS A 230 5.74 -3.41 -27.61
CA LYS A 230 4.72 -3.58 -28.62
C LYS A 230 3.32 -3.37 -28.06
N ALA A 231 2.35 -3.19 -28.95
CA ALA A 231 0.94 -3.19 -28.58
C ALA A 231 0.53 -4.56 -28.03
N ILE A 232 -0.37 -4.54 -27.06
CA ILE A 232 -0.87 -5.73 -26.43
C ILE A 232 -2.22 -6.05 -27.00
N ASP A 233 -2.45 -7.32 -27.23
CA ASP A 233 -3.77 -7.79 -27.57
C ASP A 233 -4.56 -7.85 -26.25
N HIS A 234 -5.66 -7.13 -26.15
CA HIS A 234 -6.53 -7.24 -24.97
C HIS A 234 -7.17 -8.66 -24.76
N LEU A 235 -7.18 -9.45 -25.82
CA LEU A 235 -7.67 -10.82 -25.67
C LEU A 235 -6.63 -11.75 -25.10
N LYS A 236 -5.35 -11.41 -25.17
CA LYS A 236 -4.35 -12.40 -24.78
C LYS A 236 -3.36 -11.79 -23.79
N GLY A 237 -3.11 -12.39 -22.63
CA GLY A 237 -2.03 -11.68 -21.88
C GLY A 237 -0.70 -11.56 -22.58
N ALA A 238 0.14 -10.63 -22.08
CA ALA A 238 1.55 -10.59 -22.42
C ALA A 238 2.28 -9.92 -21.30
N PRO A 239 3.58 -10.20 -21.13
CA PRO A 239 4.33 -9.44 -20.16
C PRO A 239 4.13 -7.97 -20.45
N PHE A 240 3.88 -7.16 -19.42
CA PHE A 240 3.41 -5.79 -19.67
C PHE A 240 3.95 -4.73 -18.75
N ILE A 241 3.91 -3.50 -19.19
CA ILE A 241 4.21 -2.39 -18.32
C ILE A 241 3.19 -1.27 -18.62
N ILE A 242 2.76 -0.59 -17.58
CA ILE A 242 2.05 0.67 -17.71
C ILE A 242 2.92 1.73 -17.10
N SER A 243 3.16 2.82 -17.83
CA SER A 243 4.20 3.77 -17.41
C SER A 243 3.91 5.18 -17.79
N ASN A 244 4.35 6.09 -16.92
CA ASN A 244 4.51 7.49 -17.27
C ASN A 244 5.32 7.57 -18.59
N LYS A 245 4.98 8.49 -19.50
CA LYS A 245 5.67 8.58 -20.81
C LYS A 245 7.16 8.89 -20.65
N ALA A 246 7.59 9.59 -19.59
CA ALA A 246 8.95 9.98 -19.45
C ALA A 246 9.91 8.94 -18.86
N CYS A 247 9.39 7.82 -18.33
CA CYS A 247 10.28 6.78 -17.80
C CYS A 247 10.14 5.38 -18.45
N HIS A 248 9.25 5.32 -19.44
CA HIS A 248 8.94 4.08 -20.14
C HIS A 248 10.18 3.45 -20.84
N GLU A 249 10.92 4.28 -21.55
CA GLU A 249 12.03 3.79 -22.34
C GLU A 249 13.12 3.21 -21.42
N THR A 250 13.42 3.94 -20.38
CA THR A 250 14.47 3.58 -19.45
C THR A 250 14.11 2.27 -18.75
N VAL A 251 12.86 2.09 -18.35
CA VAL A 251 12.45 0.84 -17.69
C VAL A 251 12.65 -0.35 -18.63
N LEU A 252 12.18 -0.20 -19.87
CA LEU A 252 12.30 -1.30 -20.83
C LEU A 252 13.76 -1.62 -21.14
N LYS A 253 14.59 -0.59 -21.27
CA LYS A 253 16.00 -0.79 -21.45
C LYS A 253 16.62 -1.58 -20.30
N ILE A 254 16.29 -1.24 -19.06
CA ILE A 254 16.84 -1.99 -17.90
C ILE A 254 16.32 -3.43 -17.91
N LEU A 255 15.04 -3.60 -18.18
CA LEU A 255 14.44 -4.92 -18.15
C LEU A 255 15.06 -5.86 -19.19
N ASN A 256 15.42 -5.32 -20.34
CA ASN A 256 15.91 -6.14 -21.46
C ASN A 256 17.45 -6.24 -21.46
N ALA A 257 18.13 -5.45 -20.66
CA ALA A 257 19.60 -5.38 -20.61
C ALA A 257 20.17 -6.70 -20.04
N ASN A 258 21.44 -6.91 -20.37
CA ASN A 258 22.24 -8.02 -19.78
C ASN A 258 21.58 -9.40 -19.87
N GLY A 259 20.94 -9.68 -20.99
CA GLY A 259 20.23 -10.93 -21.19
C GLY A 259 18.80 -11.01 -20.64
N GLY A 260 18.33 -9.95 -19.98
CA GLY A 260 16.91 -9.91 -19.63
C GLY A 260 16.50 -10.20 -18.21
N TYR A 261 15.18 -10.10 -17.93
CA TYR A 261 14.70 -9.97 -16.57
C TYR A 261 14.32 -11.34 -15.99
N GLN A 262 14.23 -12.34 -16.82
CA GLN A 262 13.66 -13.60 -16.38
C GLN A 262 14.62 -14.36 -15.41
N LYS A 263 14.02 -15.11 -14.49
CA LYS A 263 14.72 -15.56 -13.31
C LYS A 263 15.53 -16.78 -13.61
N TYR A 264 15.11 -17.67 -14.49
CA TYR A 264 15.76 -18.95 -14.55
C TYR A 264 16.45 -19.18 -15.85
N ARG A 265 16.55 -18.13 -16.66
CA ARG A 265 17.10 -18.17 -18.01
C ARG A 265 18.49 -18.78 -18.10
N LYS B 4 -3.73 15.65 33.27
CA LYS B 4 -3.13 14.82 34.37
C LYS B 4 -3.25 13.31 34.25
N THR B 5 -4.49 12.82 34.14
CA THR B 5 -4.67 11.43 33.87
C THR B 5 -4.36 11.14 32.37
N LEU B 6 -4.14 9.84 32.09
CA LEU B 6 -3.99 9.41 30.72
C LEU B 6 -5.20 9.82 29.87
N GLN B 7 -6.41 9.74 30.40
CA GLN B 7 -7.57 10.11 29.61
C GLN B 7 -7.59 11.59 29.23
N GLN B 8 -7.14 12.39 30.18
CA GLN B 8 -7.12 13.82 29.95
C GLN B 8 -6.12 14.14 28.91
N ILE B 9 -4.94 13.53 29.01
CA ILE B 9 -3.90 13.82 28.01
C ILE B 9 -4.40 13.29 26.66
N ASP B 10 -4.95 12.09 26.68
CA ASP B 10 -5.47 11.52 25.42
C ASP B 10 -6.47 12.40 24.75
N LYS B 11 -7.46 12.90 25.51
CA LYS B 11 -8.45 13.85 24.97
C LYS B 11 -7.79 15.06 24.33
N LEU B 12 -6.78 15.66 25.04
CA LEU B 12 -6.07 16.78 24.39
C LEU B 12 -5.39 16.42 23.05
N ILE B 13 -4.72 15.28 23.00
CA ILE B 13 -3.94 14.90 21.81
C ILE B 13 -4.93 14.62 20.70
N CYS B 14 -6.00 13.88 21.01
CA CYS B 14 -6.99 13.58 19.97
C CYS B 14 -7.62 14.79 19.39
N SER B 15 -7.88 15.80 20.25
CA SER B 15 -8.39 17.05 19.66
C SER B 15 -7.33 17.85 18.87
N TRP B 16 -6.06 17.85 19.28
CA TRP B 16 -5.00 18.54 18.51
C TRP B 16 -4.85 17.87 17.13
N LEU B 17 -4.87 16.54 17.10
CA LEU B 17 -4.81 15.76 15.84
C LEU B 17 -6.01 16.02 14.91
N LYS B 18 -7.19 16.19 15.47
CA LYS B 18 -8.33 16.59 14.74
C LYS B 18 -8.18 17.98 14.12
N GLN B 19 -7.75 18.93 14.92
CA GLN B 19 -7.50 20.28 14.41
C GLN B 19 -6.41 20.29 13.34
N ILE B 20 -5.44 19.38 13.41
CA ILE B 20 -4.39 19.29 12.41
C ILE B 20 -4.89 18.96 10.97
N ASP B 21 -6.03 18.27 10.88
CA ASP B 21 -6.76 18.13 9.58
C ASP B 21 -7.07 19.44 8.93
N ASN B 22 -7.28 20.47 9.75
CA ASN B 22 -7.64 21.77 9.24
C ASN B 22 -6.41 22.52 8.74
N VAL B 23 -5.21 22.16 9.20
CA VAL B 23 -3.96 22.80 8.74
C VAL B 23 -3.35 22.12 7.51
N ILE B 24 -3.38 20.77 7.46
CA ILE B 24 -2.51 20.07 6.48
C ILE B 24 -2.83 20.31 4.97
N PRO B 25 -4.12 20.43 4.62
CA PRO B 25 -4.43 20.61 3.18
C PRO B 25 -3.74 21.85 2.64
N GLN B 26 -3.76 22.95 3.41
CA GLN B 26 -3.02 24.12 3.03
C GLN B 26 -1.49 23.94 2.89
N LEU B 27 -0.86 23.33 3.89
CA LEU B 27 0.58 23.05 3.81
C LEU B 27 0.93 22.26 2.51
N ILE B 28 0.10 21.27 2.22
CA ILE B 28 0.27 20.48 1.02
C ILE B 28 0.09 21.35 -0.20
N MET B 29 -0.97 22.15 -0.28
CA MET B 29 -1.16 23.05 -1.42
C MET B 29 0.10 23.91 -1.69
N GLU B 30 0.78 24.44 -0.66
CA GLU B 30 2.05 25.20 -0.83
C GLU B 30 3.32 24.38 -0.60
N MET B 31 3.29 23.09 -0.85
CA MET B 31 4.38 22.23 -0.40
C MET B 31 5.71 22.59 -1.04
N THR B 32 6.71 22.79 -0.19
CA THR B 32 8.11 22.97 -0.61
C THR B 32 8.97 21.97 0.17
N THR B 33 10.09 21.55 -0.44
CA THR B 33 10.88 20.38 0.00
C THR B 33 12.38 20.72 0.08
N GLU B 34 13.19 19.88 0.72
CA GLU B 34 14.65 20.02 0.74
C GLU B 34 15.36 18.78 0.14
N ASP B 41 16.46 11.24 1.70
CA ASP B 41 16.40 11.95 2.99
C ASP B 41 15.71 13.34 2.84
N LEU B 42 14.40 13.34 2.56
CA LEU B 42 13.62 14.58 2.30
C LEU B 42 13.05 15.25 3.56
N VAL B 43 12.76 16.55 3.44
CA VAL B 43 11.97 17.29 4.44
C VAL B 43 11.27 18.49 3.84
N THR B 44 9.99 18.61 4.16
CA THR B 44 9.13 19.64 3.61
C THR B 44 8.82 20.70 4.68
N ASN B 45 8.02 21.68 4.29
CA ASN B 45 7.40 22.61 5.22
C ASN B 45 6.41 21.86 6.10
N VAL B 46 5.76 20.85 5.55
CA VAL B 46 4.74 20.12 6.24
C VAL B 46 5.30 19.44 7.53
N ASP B 47 6.41 18.72 7.38
CA ASP B 47 7.10 18.18 8.56
C ASP B 47 7.34 19.29 9.59
N LYS B 48 7.99 20.37 9.18
CA LYS B 48 8.45 21.39 10.13
C LYS B 48 7.34 22.08 10.86
N GLN B 49 6.26 22.40 10.17
CA GLN B 49 5.09 23.11 10.70
C GLN B 49 4.30 22.26 11.64
N ILE B 50 4.03 21.02 11.27
CA ILE B 50 3.35 20.07 12.19
C ILE B 50 4.15 19.97 13.50
N GLN B 51 5.49 19.85 13.36
CA GLN B 51 6.31 19.71 14.55
C GLN B 51 6.25 20.95 15.45
N GLN B 52 6.33 22.12 14.85
CA GLN B 52 6.31 23.36 15.60
C GLN B 52 5.00 23.58 16.31
N GLN B 53 3.90 23.25 15.67
CA GLN B 53 2.59 23.32 16.28
C GLN B 53 2.52 22.40 17.43
N PHE B 54 3.12 21.22 17.36
CA PHE B 54 3.05 20.33 18.49
C PHE B 54 3.89 20.79 19.67
N GLN B 55 5.01 21.37 19.35
CA GLN B 55 5.85 22.02 20.36
C GLN B 55 5.11 23.10 21.10
N GLN B 56 4.42 23.93 20.36
CA GLN B 56 3.59 24.95 20.96
C GLN B 56 2.45 24.36 21.80
N PHE B 57 1.79 23.34 21.30
CA PHE B 57 0.80 22.56 22.07
C PHE B 57 1.35 22.07 23.41
N LEU B 58 2.55 21.57 23.41
CA LEU B 58 3.12 21.14 24.65
C LEU B 58 3.47 22.33 25.54
N ALA B 59 4.00 23.41 24.99
CA ALA B 59 4.35 24.57 25.82
C ALA B 59 3.08 24.95 26.66
N THR B 60 1.95 24.72 26.07
CA THR B 60 0.74 25.36 26.45
C THR B 60 -0.05 24.47 27.38
N TYR B 61 0.17 23.13 27.33
CA TYR B 61 -0.62 22.23 28.15
C TYR B 61 0.16 21.41 29.15
N PHE B 62 1.41 21.12 28.82
CA PHE B 62 2.22 20.18 29.57
C PHE B 62 3.67 20.71 29.59
N PRO B 63 3.85 21.86 30.24
CA PRO B 63 5.04 22.67 29.97
C PRO B 63 6.32 22.04 30.57
N GLU B 64 6.12 21.08 31.46
CA GLU B 64 7.22 20.24 32.01
C GLU B 64 7.66 19.20 30.97
N HIS B 65 6.81 18.92 29.97
CA HIS B 65 7.08 17.81 29.09
C HIS B 65 8.17 18.14 28.07
N GLN B 66 9.05 17.19 27.77
CA GLN B 66 9.98 17.43 26.66
C GLN B 66 9.68 16.71 25.36
N LEU B 67 10.29 17.19 24.28
CA LEU B 67 10.10 16.58 22.94
C LEU B 67 11.38 16.12 22.31
N LEU B 68 11.47 14.82 22.05
CA LEU B 68 12.48 14.27 21.10
C LEU B 68 11.81 14.06 19.72
N ALA B 69 12.27 14.82 18.72
CA ALA B 69 11.67 14.73 17.38
C ALA B 69 12.65 14.83 16.30
N GLU B 70 12.22 14.51 15.09
CA GLU B 70 13.14 14.45 13.94
C GLU B 70 13.73 15.83 13.60
N GLU B 71 12.89 16.82 13.52
CA GLU B 71 13.27 18.12 12.91
C GLU B 71 13.84 19.12 13.94
N LYS B 72 14.26 18.66 15.09
CA LYS B 72 14.90 19.52 16.06
C LYS B 72 16.18 18.85 16.51
N SER B 73 17.11 19.64 17.03
CA SER B 73 18.24 19.10 17.74
C SER B 73 17.66 18.49 19.02
N ASN B 74 18.30 17.39 19.41
CA ASN B 74 17.87 16.63 20.58
C ASN B 74 18.96 16.39 21.60
N ALA B 75 19.97 17.26 21.60
CA ALA B 75 21.16 17.19 22.47
C ALA B 75 20.77 17.19 23.95
N MET B 76 19.78 18.04 24.28
CA MET B 76 19.20 18.11 25.64
C MET B 76 18.38 16.90 26.19
N ILE B 77 18.18 15.85 25.40
CA ILE B 77 17.33 14.71 25.82
C ILE B 77 18.15 13.61 26.47
N THR B 78 17.78 13.23 27.69
CA THR B 78 18.64 12.32 28.49
C THR B 78 17.89 11.07 28.93
N ASN B 79 18.63 10.25 29.69
CA ASN B 79 18.17 9.05 30.39
C ASN B 79 17.04 9.29 31.38
N GLU B 80 17.02 10.47 32.03
CA GLU B 80 16.13 10.71 33.17
C GLU B 80 15.00 11.69 33.06
N ILE B 81 14.57 12.08 31.86
CA ILE B 81 13.42 12.95 31.69
C ILE B 81 12.14 12.26 32.14
N ASN B 82 11.34 12.93 32.97
CA ASN B 82 10.13 12.33 33.53
C ASN B 82 8.98 12.21 32.53
N HIS B 83 8.80 13.28 31.75
CA HIS B 83 7.70 13.35 30.78
C HIS B 83 8.28 13.60 29.40
N LEU B 84 8.26 12.58 28.56
CA LEU B 84 8.91 12.66 27.28
C LEU B 84 7.96 12.25 26.14
N TRP B 85 7.87 13.09 25.12
CA TRP B 85 7.23 12.76 23.87
C TRP B 85 8.30 12.52 22.79
N ILE B 86 8.10 11.45 22.05
CA ILE B 86 8.82 11.23 20.81
C ILE B 86 7.91 11.43 19.61
N MET B 87 8.36 12.26 18.68
CA MET B 87 7.53 12.53 17.52
C MET B 87 8.20 12.34 16.17
N ASP B 88 7.48 11.72 15.24
CA ASP B 88 7.84 11.88 13.82
C ASP B 88 6.72 12.67 13.14
N PRO B 89 7.00 13.91 12.82
CA PRO B 89 5.85 14.76 12.40
C PRO B 89 5.26 14.31 11.05
N ILE B 90 6.11 13.87 10.13
CA ILE B 90 5.63 13.08 8.98
C ILE B 90 6.52 11.89 8.85
N ASP B 91 6.02 10.69 9.03
CA ASP B 91 6.78 9.47 8.72
C ASP B 91 6.29 9.03 7.36
N GLY B 92 7.21 8.82 6.45
CA GLY B 92 6.85 8.59 5.04
C GLY B 92 6.87 9.86 4.19
N THR B 93 7.82 10.72 4.45
CA THR B 93 7.99 11.98 3.69
C THR B 93 8.11 11.71 2.17
N ALA B 94 8.80 10.65 1.77
CA ALA B 94 8.94 10.32 0.37
C ALA B 94 7.56 10.08 -0.24
N ASN B 95 6.71 9.31 0.45
CA ASN B 95 5.33 9.06 0.03
C ASN B 95 4.52 10.32 0.02
N LEU B 96 4.68 11.17 1.03
CA LEU B 96 3.99 12.47 0.98
C LEU B 96 4.31 13.25 -0.31
N VAL B 97 5.58 13.36 -0.60
CA VAL B 97 6.04 14.16 -1.72
C VAL B 97 5.61 13.54 -3.03
N LYS B 98 5.91 12.27 -3.19
CA LYS B 98 5.69 11.54 -4.47
C LYS B 98 4.27 11.13 -4.67
N GLN B 99 3.51 10.88 -3.60
CA GLN B 99 2.17 10.28 -3.77
C GLN B 99 1.06 11.02 -3.08
N GLN B 100 1.40 11.85 -2.08
CA GLN B 100 0.36 12.46 -1.22
C GLN B 100 -0.54 11.40 -0.60
N GLU B 101 0.02 10.25 -0.27
CA GLU B 101 -0.74 9.21 0.34
C GLU B 101 0.27 8.34 1.05
N ASP B 102 -0.20 7.51 1.96
CA ASP B 102 0.69 6.55 2.68
C ASP B 102 1.80 7.21 3.49
N TYR B 103 1.41 8.21 4.27
CA TYR B 103 2.27 8.84 5.27
C TYR B 103 1.46 9.02 6.58
N CYS B 104 2.15 9.29 7.68
CA CYS B 104 1.49 9.32 8.96
C CYS B 104 2.24 10.23 9.93
N ILE B 105 1.53 10.59 10.99
CA ILE B 105 2.14 11.28 12.13
C ILE B 105 2.31 10.27 13.26
N ILE B 106 3.51 10.21 13.82
CA ILE B 106 3.83 9.30 14.92
C ILE B 106 4.10 10.04 16.24
N LEU B 107 3.36 9.66 17.30
CA LEU B 107 3.66 10.24 18.64
C LEU B 107 3.66 9.21 19.72
N ALA B 108 4.50 9.40 20.71
CA ALA B 108 4.55 8.49 21.84
C ALA B 108 4.93 9.25 23.09
N TYR B 109 4.19 9.04 24.16
CA TYR B 109 4.51 9.59 25.44
C TYR B 109 5.07 8.51 26.37
N PHE B 110 6.20 8.84 26.98
CA PHE B 110 6.86 8.02 27.97
C PHE B 110 6.91 8.73 29.33
N TYR B 111 6.54 7.98 30.36
CA TYR B 111 6.57 8.49 31.72
C TYR B 111 7.66 7.79 32.49
N GLU B 112 8.74 8.47 32.86
CA GLU B 112 9.90 7.84 33.50
C GLU B 112 10.43 6.64 32.71
N GLY B 113 10.42 6.79 31.39
CA GLY B 113 10.84 5.74 30.49
C GLY B 113 9.82 4.66 30.17
N LYS B 114 8.62 4.76 30.69
CA LYS B 114 7.61 3.71 30.41
C LYS B 114 6.57 4.26 29.39
N PRO B 115 6.34 3.49 28.30
CA PRO B 115 5.31 3.85 27.31
C PRO B 115 3.95 3.93 27.97
N MET B 116 3.29 5.10 27.85
CA MET B 116 1.93 5.33 28.38
C MET B 116 0.89 5.61 27.30
N LEU B 117 1.25 6.38 26.27
CA LEU B 117 0.40 6.73 25.16
C LEU B 117 1.14 6.65 23.82
N SER B 118 0.48 6.10 22.80
CA SER B 118 1.04 6.08 21.47
C SER B 118 0.02 6.43 20.39
N TYR B 119 0.46 7.09 19.31
CA TYR B 119 -0.45 7.46 18.24
C TYR B 119 0.27 7.27 16.90
N VAL B 120 -0.46 6.64 15.96
CA VAL B 120 -0.07 6.64 14.54
C VAL B 120 -1.28 7.12 13.74
N TYR B 121 -1.14 8.34 13.23
CA TYR B 121 -2.25 8.95 12.52
C TYR B 121 -2.09 8.79 11.04
N ASP B 122 -2.86 7.89 10.48
CA ASP B 122 -2.83 7.73 9.00
C ASP B 122 -3.74 8.80 8.43
N TYR B 123 -3.17 9.98 8.18
CA TYR B 123 -3.98 11.13 7.86
C TYR B 123 -4.68 11.01 6.51
N PRO B 124 -4.01 10.48 5.47
CA PRO B 124 -4.66 10.38 4.15
C PRO B 124 -5.90 9.54 4.24
N HIS B 125 -5.92 8.50 5.07
CA HIS B 125 -7.13 7.70 5.21
C HIS B 125 -7.98 8.06 6.39
N LYS B 126 -7.66 9.14 7.12
CA LYS B 126 -8.32 9.48 8.35
C LYS B 126 -8.49 8.30 9.32
N LYS B 127 -7.41 7.58 9.58
CA LYS B 127 -7.43 6.47 10.49
C LYS B 127 -6.44 6.74 11.63
N LEU B 128 -6.98 6.94 12.81
CA LEU B 128 -6.18 7.21 14.01
C LEU B 128 -5.98 5.95 14.85
N TYR B 129 -4.75 5.44 14.86
CA TYR B 129 -4.44 4.26 15.64
C TYR B 129 -3.94 4.87 16.93
N LYS B 130 -4.48 4.40 18.07
CA LYS B 130 -3.96 4.89 19.33
C LYS B 130 -3.89 3.77 20.35
N ALA B 131 -2.94 3.90 21.28
CA ALA B 131 -2.76 2.93 22.33
C ALA B 131 -2.64 3.67 23.66
N ILE B 132 -3.31 3.15 24.68
CA ILE B 132 -3.42 3.76 26.00
C ILE B 132 -3.21 2.71 27.02
N ARG B 133 -2.15 2.87 27.82
CA ARG B 133 -1.82 1.92 28.91
C ARG B 133 -3.02 1.88 29.86
N GLY B 134 -3.54 0.68 30.09
CA GLY B 134 -4.72 0.52 30.99
C GLY B 134 -6.04 0.41 30.25
N GLU B 135 -6.12 0.95 29.04
CA GLU B 135 -7.35 0.86 28.25
C GLU B 135 -7.24 -0.13 27.06
N GLY B 136 -6.18 -0.03 26.26
CA GLY B 136 -5.98 -0.86 25.08
C GLY B 136 -5.62 -0.03 23.85
N ALA B 137 -5.69 -0.69 22.69
CA ALA B 137 -5.41 -0.06 21.41
C ALA B 137 -6.68 0.06 20.59
N PHE B 138 -6.79 1.06 19.75
CA PHE B 138 -7.97 1.50 19.08
C PHE B 138 -7.66 2.07 17.71
N CYS B 139 -8.60 1.88 16.78
CA CYS B 139 -8.54 2.52 15.45
C CYS B 139 -9.78 3.36 15.32
N ASN B 140 -9.61 4.68 15.32
CA ASN B 140 -10.78 5.60 15.32
C ASN B 140 -11.76 5.19 16.41
N GLY B 141 -11.27 4.85 17.59
CA GLY B 141 -12.17 4.44 18.61
C GLY B 141 -12.59 2.97 18.82
N PHE B 142 -12.55 2.14 17.79
CA PHE B 142 -12.96 0.72 17.91
C PHE B 142 -11.78 -0.06 18.40
N LYS B 143 -12.00 -0.82 19.44
CA LYS B 143 -10.91 -1.59 20.04
C LYS B 143 -10.23 -2.58 19.08
N MET B 144 -8.91 -2.54 19.02
CA MET B 144 -8.12 -3.53 18.26
C MET B 144 -7.87 -4.77 19.11
N GLU B 145 -7.96 -5.96 18.51
CA GLU B 145 -7.65 -7.20 19.26
C GLU B 145 -6.32 -7.76 18.84
N GLU B 146 -5.71 -8.60 19.69
CA GLU B 146 -4.51 -9.35 19.28
C GLU B 146 -4.84 -9.95 17.90
N PRO B 147 -3.95 -9.86 16.93
CA PRO B 147 -4.17 -10.53 15.63
C PRO B 147 -4.12 -12.07 15.76
N PRO B 148 -4.71 -12.83 14.81
CA PRO B 148 -4.51 -14.31 14.76
C PRO B 148 -3.03 -14.65 14.65
N SER B 149 -2.65 -15.86 15.06
CA SER B 149 -1.29 -16.36 14.92
C SER B 149 -0.97 -16.43 13.46
N LEU B 150 0.21 -16.00 13.06
CA LEU B 150 0.67 -16.17 11.69
C LEU B 150 2.05 -16.79 11.65
N LYS B 151 2.14 -18.02 11.16
CA LYS B 151 3.43 -18.58 10.76
C LYS B 151 3.96 -17.84 9.57
N LEU B 152 5.28 -17.76 9.43
CA LEU B 152 5.89 -16.94 8.31
C LEU B 152 5.38 -17.35 6.90
N GLU B 153 5.23 -18.66 6.68
CA GLU B 153 4.78 -19.18 5.38
C GLU B 153 3.36 -18.74 4.99
N ASP B 154 2.62 -18.35 6.01
CA ASP B 154 1.22 -17.82 5.79
C ASP B 154 1.15 -16.30 5.96
N ALA B 155 2.29 -15.64 6.08
CA ALA B 155 2.29 -14.21 6.34
C ALA B 155 2.88 -13.35 5.21
N ILE B 156 2.31 -12.17 5.04
CA ILE B 156 2.93 -11.17 4.16
C ILE B 156 4.02 -10.52 4.98
N ILE B 157 5.20 -10.27 4.42
CA ILE B 157 6.18 -9.48 5.17
C ILE B 157 6.59 -8.24 4.41
N SER B 158 7.10 -7.31 5.18
CA SER B 158 7.39 -5.98 4.71
C SER B 158 8.76 -5.57 5.24
N PHE B 159 9.60 -5.08 4.31
CA PHE B 159 10.90 -4.56 4.66
C PHE B 159 11.44 -3.85 3.45
N ASN B 160 12.52 -3.11 3.63
CA ASN B 160 13.21 -2.44 2.53
C ASN B 160 14.22 -3.43 1.95
N ALA B 161 13.95 -3.90 0.73
CA ALA B 161 14.82 -4.92 0.13
C ALA B 161 16.07 -4.30 -0.50
N GLN B 162 16.17 -2.97 -0.53
CA GLN B 162 17.30 -2.27 -1.16
C GLN B 162 18.50 -2.17 -0.22
N VAL B 163 18.34 -2.57 1.03
CA VAL B 163 19.39 -2.31 2.02
C VAL B 163 19.85 -3.61 2.61
N MET B 164 19.48 -4.74 1.99
CA MET B 164 19.85 -6.04 2.46
C MET B 164 20.59 -6.72 1.36
N ASN B 165 21.34 -7.77 1.66
CA ASN B 165 22.01 -8.46 0.58
C ASN B 165 20.86 -9.32 -0.02
N LEU B 166 21.04 -9.66 -1.29
CA LEU B 166 20.01 -10.30 -2.06
C LEU B 166 19.83 -11.82 -1.81
N ASP B 167 20.80 -12.49 -1.17
CA ASP B 167 20.62 -13.85 -0.81
C ASP B 167 19.65 -13.89 0.32
N THR B 168 19.82 -13.01 1.28
CA THR B 168 18.88 -12.87 2.35
C THR B 168 17.49 -12.42 1.94
N VAL B 169 17.46 -11.47 1.03
CA VAL B 169 16.14 -11.10 0.45
C VAL B 169 15.44 -12.32 -0.18
N GLN B 170 16.18 -13.08 -1.00
CA GLN B 170 15.66 -14.30 -1.58
C GLN B 170 15.11 -15.29 -0.52
N ASP B 171 15.84 -15.46 0.58
CA ASP B 171 15.38 -16.40 1.61
C ASP B 171 14.09 -15.92 2.26
N LEU B 172 13.95 -14.59 2.41
CA LEU B 172 12.74 -14.00 2.99
C LEU B 172 11.56 -14.23 2.05
N PHE B 173 11.74 -13.98 0.77
CA PHE B 173 10.76 -14.27 -0.29
C PHE B 173 10.32 -15.73 -0.24
N ASP B 174 11.26 -16.65 -0.23
CA ASP B 174 10.90 -18.10 -0.29
C ASP B 174 10.15 -18.59 0.95
N ALA B 175 10.47 -18.08 2.12
CA ALA B 175 9.86 -18.54 3.37
C ALA B 175 8.50 -17.89 3.70
N SER B 176 8.15 -16.80 3.02
CA SER B 176 6.96 -16.02 3.45
C SER B 176 5.87 -16.25 2.43
N PHE B 177 4.68 -15.82 2.76
CA PHE B 177 3.52 -16.00 1.85
C PHE B 177 3.68 -15.07 0.66
N SER B 178 3.96 -13.81 0.94
CA SER B 178 4.28 -12.82 -0.06
C SER B 178 4.98 -11.58 0.57
N TYR B 179 5.29 -10.60 -0.27
CA TYR B 179 6.01 -9.41 0.14
C TYR B 179 5.20 -8.19 -0.29
N ARG B 180 5.09 -7.20 0.61
CA ARG B 180 4.50 -5.91 0.29
C ARG B 180 5.27 -4.83 0.97
N LEU B 181 5.08 -3.61 0.48
CA LEU B 181 5.68 -2.44 1.14
C LEU B 181 4.78 -1.23 1.00
N VAL B 182 4.36 -0.69 2.14
CA VAL B 182 3.63 0.58 2.18
C VAL B 182 4.61 1.74 2.08
N GLY B 183 5.71 1.65 2.80
CA GLY B 183 6.81 2.62 2.68
C GLY B 183 6.84 3.70 3.76
N ALA B 184 6.03 3.50 4.78
CA ALA B 184 6.16 4.34 5.99
C ALA B 184 6.25 3.44 7.19
N CYS B 185 7.34 3.51 7.94
CA CYS B 185 7.57 2.58 9.08
C CYS B 185 6.35 2.44 9.98
N GLY B 186 5.79 3.57 10.39
CA GLY B 186 4.55 3.56 11.18
C GLY B 186 3.41 2.78 10.58
N LEU B 187 3.22 2.91 9.27
CA LEU B 187 2.05 2.25 8.67
C LEU B 187 2.33 0.77 8.41
N ASP B 188 3.54 0.47 7.89
CA ASP B 188 3.88 -0.93 7.75
C ASP B 188 3.83 -1.59 9.13
N SER B 189 4.19 -0.86 10.19
CA SER B 189 4.13 -1.45 11.54
C SER B 189 2.70 -1.76 11.97
N MET B 190 1.82 -0.82 11.68
CA MET B 190 0.43 -0.95 12.07
C MET B 190 -0.22 -2.11 11.28
N ARG B 191 0.24 -2.39 10.05
CA ARG B 191 -0.28 -3.57 9.35
C ARG B 191 0.05 -4.85 10.12
N VAL B 192 1.20 -4.87 10.83
CA VAL B 192 1.55 -6.02 11.66
C VAL B 192 0.58 -6.09 12.86
N ALA B 193 0.38 -4.90 13.45
CA ALA B 193 -0.59 -4.72 14.56
C ALA B 193 -1.98 -5.19 14.21
N LYS B 194 -2.39 -4.98 12.98
CA LYS B 194 -3.76 -5.33 12.52
C LYS B 194 -3.83 -6.78 12.08
N GLY B 195 -2.70 -7.47 11.99
CA GLY B 195 -2.71 -8.85 11.47
C GLY B 195 -2.67 -8.95 9.95
N GLN B 196 -2.48 -7.85 9.25
CA GLN B 196 -2.41 -7.82 7.80
C GLN B 196 -1.03 -8.27 7.31
N PHE B 197 0.03 -7.89 8.03
CA PHE B 197 1.40 -8.37 7.76
C PHE B 197 1.82 -9.27 8.92
N GLY B 198 2.66 -10.27 8.68
CA GLY B 198 3.30 -11.05 9.75
C GLY B 198 4.39 -10.27 10.45
N ALA B 199 5.11 -9.42 9.72
CA ALA B 199 6.26 -8.71 10.31
C ALA B 199 6.68 -7.57 9.44
N HIS B 200 7.23 -6.53 10.09
CA HIS B 200 7.89 -5.43 9.41
C HIS B 200 9.30 -5.28 9.99
N ILE B 201 10.27 -5.10 9.09
CA ILE B 201 11.67 -4.92 9.47
C ILE B 201 12.20 -3.55 9.05
N ASN B 202 12.88 -2.86 9.92
CA ASN B 202 13.66 -1.70 9.52
C ASN B 202 15.07 -1.83 10.11
N THR B 203 16.06 -1.89 9.24
CA THR B 203 17.40 -2.23 9.68
C THR B 203 18.19 -1.07 10.26
N ASN B 204 17.63 0.12 10.22
CA ASN B 204 18.32 1.25 10.83
C ASN B 204 17.39 2.40 11.20
N PRO B 205 16.44 2.14 12.10
CA PRO B 205 15.48 3.19 12.45
C PRO B 205 15.96 4.23 13.43
N LYS B 206 15.37 5.40 13.41
CA LYS B 206 15.62 6.44 14.43
C LYS B 206 14.59 6.21 15.56
N PRO B 207 14.85 6.75 16.76
CA PRO B 207 13.87 6.55 17.82
C PRO B 207 12.44 6.94 17.42
N TRP B 208 12.27 7.99 16.62
CA TRP B 208 10.92 8.45 16.22
C TRP B 208 10.21 7.56 15.22
N ASP B 209 10.95 6.79 14.43
CA ASP B 209 10.37 5.82 13.52
C ASP B 209 9.63 4.70 14.23
N ILE B 210 10.04 4.37 15.44
CA ILE B 210 9.44 3.20 16.16
C ILE B 210 8.82 3.51 17.52
N ALA B 211 8.77 4.79 17.91
CA ALA B 211 8.50 5.13 19.30
C ALA B 211 7.11 4.74 19.77
N ALA B 212 6.10 4.89 18.92
CA ALA B 212 4.73 4.52 19.22
C ALA B 212 4.50 3.02 19.28
N GLN B 213 5.33 2.28 18.48
CA GLN B 213 5.12 0.88 18.34
C GLN B 213 5.26 0.05 19.64
N PHE B 214 6.12 0.49 20.56
CA PHE B 214 6.32 -0.24 21.83
C PHE B 214 5.01 -0.56 22.49
N LEU B 215 4.20 0.45 22.73
CA LEU B 215 2.95 0.22 23.46
C LEU B 215 1.94 -0.63 22.68
N PHE B 216 1.88 -0.43 21.35
CA PHE B 216 1.06 -1.27 20.51
C PHE B 216 1.51 -2.74 20.66
N ALA B 217 2.82 -2.99 20.64
CA ALA B 217 3.30 -4.36 20.71
C ALA B 217 2.96 -5.02 22.03
N GLU B 218 3.12 -4.27 23.11
CA GLU B 218 2.74 -4.76 24.44
C GLU B 218 1.24 -5.07 24.52
N LEU B 219 0.39 -4.14 24.10
CA LEU B 219 -1.04 -4.32 24.35
C LEU B 219 -1.67 -5.36 23.42
N LEU B 220 -1.08 -5.56 22.25
CA LEU B 220 -1.61 -6.50 21.27
C LEU B 220 -0.78 -7.80 21.18
N ASN B 221 0.13 -8.01 22.11
CA ASN B 221 0.87 -9.26 22.15
C ASN B 221 1.77 -9.53 20.92
N LEU B 222 2.41 -8.47 20.44
CA LEU B 222 3.32 -8.57 19.27
C LEU B 222 4.73 -8.65 19.81
N LYS B 223 5.66 -9.20 19.05
CA LYS B 223 7.07 -9.12 19.40
C LYS B 223 7.68 -7.91 18.74
N MET B 224 8.35 -7.10 19.53
CA MET B 224 9.14 -6.00 18.96
C MET B 224 10.47 -6.04 19.67
N THR B 225 11.51 -6.33 18.89
CA THR B 225 12.88 -6.48 19.36
C THR B 225 13.92 -5.91 18.38
N THR B 226 15.16 -5.88 18.80
CA THR B 226 16.27 -5.72 17.85
C THR B 226 16.36 -7.00 16.97
N LEU B 227 17.16 -6.92 15.93
CA LEU B 227 17.29 -8.04 15.00
C LEU B 227 18.12 -9.17 15.64
N ASP B 228 18.68 -8.86 16.81
CA ASP B 228 19.34 -9.84 17.70
C ASP B 228 18.40 -10.42 18.75
N GLY B 229 17.10 -10.13 18.62
CA GLY B 229 16.13 -10.50 19.64
C GLY B 229 16.13 -9.77 20.99
N LYS B 230 16.77 -8.63 21.10
CA LYS B 230 16.91 -7.95 22.39
C LYS B 230 15.87 -6.86 22.56
N ALA B 231 15.68 -6.38 23.80
CA ALA B 231 14.88 -5.18 24.06
C ALA B 231 15.55 -3.97 23.42
N ILE B 232 14.73 -3.06 22.93
CA ILE B 232 15.21 -1.85 22.29
C ILE B 232 15.10 -0.70 23.25
N ASP B 233 16.14 0.12 23.21
CA ASP B 233 16.10 1.35 23.96
C ASP B 233 15.23 2.34 23.17
N HIS B 234 14.12 2.79 23.71
CA HIS B 234 13.33 3.80 23.01
C HIS B 234 14.12 5.13 22.74
N LEU B 235 15.15 5.37 23.51
CA LEU B 235 15.96 6.58 23.29
C LEU B 235 16.99 6.45 22.18
N LYS B 236 17.29 5.25 21.74
CA LYS B 236 18.34 5.06 20.76
C LYS B 236 17.85 4.20 19.58
N GLY B 237 17.99 4.55 18.32
CA GLY B 237 17.61 3.47 17.39
C GLY B 237 18.37 2.17 17.54
N ALA B 238 17.79 1.07 16.99
CA ALA B 238 18.49 -0.15 16.66
C ALA B 238 17.80 -0.84 15.51
N PRO B 239 18.54 -1.67 14.75
CA PRO B 239 17.89 -2.53 13.78
C PRO B 239 16.74 -3.23 14.46
N PHE B 240 15.57 -3.26 13.82
CA PHE B 240 14.36 -3.66 14.54
C PHE B 240 13.38 -4.48 13.77
N ILE B 241 12.58 -5.24 14.48
CA ILE B 241 11.47 -5.93 13.87
C ILE B 241 10.25 -5.81 14.76
N ILE B 242 9.11 -5.59 14.15
CA ILE B 242 7.84 -5.77 14.84
C ILE B 242 7.12 -6.93 14.18
N SER B 243 6.66 -7.89 14.97
CA SER B 243 6.21 -9.17 14.37
C SER B 243 5.11 -9.82 15.15
N ASN B 244 4.23 -10.47 14.41
CA ASN B 244 3.36 -11.48 14.97
C ASN B 244 4.21 -12.48 15.82
N LYS B 245 3.68 -12.94 16.96
CA LYS B 245 4.43 -13.85 17.85
C LYS B 245 4.78 -15.17 17.14
N ALA B 246 3.95 -15.66 16.23
CA ALA B 246 4.21 -16.93 15.61
C ALA B 246 5.28 -16.97 14.50
N CYS B 247 5.74 -15.86 13.96
CA CYS B 247 6.73 -15.82 12.91
C CYS B 247 8.03 -15.06 13.23
N HIS B 248 8.07 -14.52 14.44
CA HIS B 248 9.21 -13.71 14.91
C HIS B 248 10.56 -14.49 14.87
N GLU B 249 10.53 -15.71 15.38
CA GLU B 249 11.75 -16.48 15.52
C GLU B 249 12.33 -16.82 14.14
N THR B 250 11.46 -17.25 13.25
CA THR B 250 11.85 -17.69 11.93
C THR B 250 12.44 -16.52 11.16
N VAL B 251 11.83 -15.34 11.27
CA VAL B 251 12.36 -14.15 10.57
C VAL B 251 13.78 -13.82 11.03
N LEU B 252 13.96 -13.80 12.36
CA LEU B 252 15.28 -13.50 12.91
C LEU B 252 16.32 -14.53 12.52
N LYS B 253 15.93 -15.80 12.52
CA LYS B 253 16.82 -16.87 12.06
C LYS B 253 17.25 -16.65 10.63
N ILE B 254 16.33 -16.30 9.74
CA ILE B 254 16.68 -16.06 8.32
C ILE B 254 17.59 -14.83 8.22
N LEU B 255 17.25 -13.77 8.95
CA LEU B 255 17.99 -12.54 8.87
C LEU B 255 19.48 -12.76 9.32
N ASN B 256 19.66 -13.56 10.32
CA ASN B 256 21.00 -13.72 10.95
C ASN B 256 21.79 -14.90 10.38
N ALA B 257 21.19 -15.74 9.57
CA ALA B 257 21.89 -16.85 8.92
C ALA B 257 22.97 -16.37 7.91
N ASN B 258 23.92 -17.25 7.67
CA ASN B 258 24.96 -17.05 6.63
C ASN B 258 25.74 -15.71 6.70
N GLY B 259 26.06 -15.30 7.92
CA GLY B 259 26.73 -14.04 8.14
C GLY B 259 25.84 -12.82 8.00
N GLY B 260 24.53 -13.01 7.97
CA GLY B 260 23.58 -11.88 8.21
C GLY B 260 23.01 -11.19 7.00
N TYR B 261 22.29 -10.08 7.24
CA TYR B 261 21.39 -9.52 6.23
C TYR B 261 22.00 -8.32 5.56
N GLN B 262 23.11 -7.81 6.06
CA GLN B 262 23.68 -6.58 5.55
C GLN B 262 24.29 -6.77 4.18
N LYS B 263 24.30 -5.74 3.34
CA LYS B 263 24.81 -5.90 1.95
C LYS B 263 26.30 -6.15 2.01
N TYR B 264 26.81 -7.13 1.23
CA TYR B 264 28.25 -7.40 1.23
C TYR B 264 29.01 -6.13 0.77
CA CA C . -5.91 -10.44 -11.10
CA CA D . -8.99 -12.42 -9.49
O1 PG4 E . -20.38 3.03 -4.95
C1 PG4 E . -19.84 2.45 -6.15
C2 PG4 E . -19.83 3.41 -7.33
O2 PG4 E . -21.17 3.68 -7.76
C3 PG4 E . -21.81 4.73 -7.00
C4 PG4 E . -22.09 5.95 -7.89
O3 PG4 E . -21.01 6.90 -7.88
C5 PG4 E . -19.92 6.55 -8.74
C6 PG4 E . -19.89 7.49 -9.95
O4 PG4 E . -18.67 7.40 -10.70
C7 PG4 E . -17.49 7.58 -9.89
C8 PG4 E . -16.31 8.15 -10.69
O5 PG4 E . -15.50 7.22 -11.39
CL CL F . 13.97 8.04 -17.54
C1 GOL G . -20.59 -0.14 -38.78
O1 GOL G . -19.88 -0.43 -39.99
C2 GOL G . -19.70 0.72 -37.89
O2 GOL G . -18.33 0.43 -38.20
C3 GOL G . -19.91 2.21 -38.17
O3 GOL G . -21.09 2.72 -37.53
C1 IPD H . -3.10 -11.08 -9.17
C2 IPD H . -2.78 -9.68 -8.66
C3 IPD H . -1.33 -9.61 -8.22
C4 IPD H . -0.27 -10.38 -9.05
C5 IPD H . -0.75 -11.37 -10.12
C6 IPD H . -2.26 -11.40 -10.39
P1 IPD H . -5.55 -11.97 -8.51
O1 IPD H . -4.48 -11.24 -9.51
O2 IPD H . -3.14 -8.65 -9.59
O3 IPD H . -0.87 -8.30 -7.88
O4 IPD H . 0.77 -9.54 -9.57
O5 IPD H . -0.05 -11.15 -11.32
O6 IPD H . -2.52 -12.74 -10.78
O7 IPD H . -5.37 -11.23 -7.23
O8 IPD H . -6.79 -11.72 -9.33
O9 IPD H . -5.08 -13.40 -8.38
CA CA I . 9.88 11.88 9.36
CA CA J . 10.39 8.33 9.84
C1 GOL K . 12.46 0.28 26.98
O1 GOL K . 11.88 1.27 26.12
C2 GOL K . 13.82 0.78 27.48
O2 GOL K . 13.77 1.23 28.83
C3 GOL K . 14.91 -0.30 27.42
O3 GOL K . 16.19 0.33 27.41
C1 GOL L . 2.31 13.63 -7.53
O1 GOL L . 2.43 14.83 -6.73
C2 GOL L . 0.93 12.92 -7.40
O2 GOL L . 0.51 12.94 -6.04
C3 GOL L . -0.19 13.56 -8.26
O3 GOL L . 0.27 14.16 -9.47
CL CL M . 7.28 -19.42 11.41
C1 GOL N . -3.30 -17.64 19.37
O1 GOL N . -3.77 -18.48 18.33
C2 GOL N . -4.29 -16.49 19.59
O2 GOL N . -4.01 -15.44 18.64
C3 GOL N . -5.72 -17.03 19.42
O3 GOL N . -6.67 -16.33 20.22
O1 P6G O . -8.24 -1.58 32.98
C2 P6G O . -7.20 -0.61 33.02
C3 P6G O . -7.23 0.27 34.25
O4 P6G O . -7.65 1.64 33.98
C5 P6G O . -6.63 2.58 34.45
C6 P6G O . -7.22 3.91 34.83
O7 P6G O . -6.28 4.90 34.38
C8 P6G O . -6.73 6.25 34.62
C9 P6G O . -5.72 7.36 34.27
O10 P6G O . -4.44 7.34 34.96
C11 P6G O . -4.54 7.48 36.38
C12 P6G O . -3.35 8.23 36.97
O13 P6G O . -2.32 7.28 37.31
C14 P6G O . -1.15 7.91 37.85
C15 P6G O . 0.09 7.17 37.39
O16 P6G O . 0.85 8.02 36.52
C17 P6G O . 0.79 7.70 35.13
C18 P6G O . 1.15 8.91 34.28
O19 P6G O . -0.06 9.55 33.87
C1 IPD P . 11.41 6.70 6.74
C2 IPD P . 10.21 5.77 6.53
C3 IPD P . 10.61 4.70 5.49
C4 IPD P . 12.06 4.14 5.61
C5 IPD P . 13.07 4.85 6.53
C6 IPD P . 12.51 5.93 7.43
P1 IPD P . 10.85 9.30 6.96
O1 IPD P . 11.06 7.81 7.56
O2 IPD P . 9.69 5.25 7.77
O3 IPD P . 9.61 3.69 5.31
O4 IPD P . 12.12 2.74 5.82
O5 IPD P . 13.86 3.95 7.29
O6 IPD P . 13.59 6.84 7.70
O7 IPD P . 12.22 9.65 6.45
O8 IPD P . 10.36 9.87 8.25
O9 IPD P . 9.77 9.31 5.86
#